data_8VCA
#
_entry.id   8VCA
#
_cell.length_a   83.915
_cell.length_b   83.915
_cell.length_c   117.177
_cell.angle_alpha   90.00
_cell.angle_beta   90.00
_cell.angle_gamma   90.00
#
_symmetry.space_group_name_H-M   'P 41 21 2'
#
loop_
_entity.id
_entity.type
_entity.pdbx_description
1 polymer 'Carboxylesterase 15'
2 non-polymer GLYCEROL
3 water water
#
_entity_poly.entity_id   1
_entity_poly.type   'polypeptide(L)'
_entity_poly.pdbx_seq_one_letter_code
;MGSLGEEPQVAEDCMGLLQLLSNGTVLRSESIDLITQQIPFKNNQTVLFKDSIYHKPNNLHLRLYKPISASNRTALPVVV
FFHGGGFCFGSRSWPHFHNFCLTLASSLNALVVSPDYRLAPEHRLPAAFEDAEAVLTWLWDQAVSDGVNHWFEDGTDVDF
DRVFVVGDSSGGNIAHQLAVRFGSGSIELTPVRVRGYVLMGPFFGGEERTNSENGPSEALLSLDLLDKFWRLSLPNGATR
DHHMANPFGPTSPTLESISLEPMLVIVGGSELLRDRAKEYAYKLKKMGGKRVDYIEFENKEHGFYSNYPSSEAAEQVLRI
IGDFMNNLS
;
_entity_poly.pdbx_strand_id   A
#
loop_
_chem_comp.id
_chem_comp.type
_chem_comp.name
_chem_comp.formula
GOL non-polymer GLYCEROL 'C3 H8 O3'
#
# COMPACT_ATOMS: atom_id res chain seq x y z
N PRO A 8 -17.35 4.49 31.74
CA PRO A 8 -18.36 4.59 30.68
C PRO A 8 -18.33 3.40 29.73
N GLN A 9 -19.50 2.80 29.49
CA GLN A 9 -19.64 1.66 28.56
C GLN A 9 -19.65 2.19 27.12
N VAL A 10 -20.01 3.46 26.94
CA VAL A 10 -19.97 4.05 25.60
C VAL A 10 -18.57 4.01 25.03
N ALA A 11 -17.57 3.67 25.85
CA ALA A 11 -16.18 3.51 25.44
C ALA A 11 -15.91 2.15 24.84
N GLU A 12 -16.53 1.09 25.39
CA GLU A 12 -16.42 -0.23 24.80
C GLU A 12 -17.12 -0.31 23.45
N ASP A 13 -18.11 0.57 23.26
CA ASP A 13 -18.91 0.60 22.03
C ASP A 13 -18.16 1.31 20.89
N CYS A 14 -17.51 2.43 21.16
CA CYS A 14 -16.68 3.16 20.21
C CYS A 14 -15.47 2.33 19.81
N MET A 15 -14.99 1.47 20.71
CA MET A 15 -13.99 0.48 20.35
C MET A 15 -14.58 -0.58 19.43
N GLY A 16 -15.74 -1.13 19.80
CA GLY A 16 -16.39 -2.10 18.93
C GLY A 16 -16.87 -1.49 17.63
N LEU A 17 -17.13 -0.19 17.62
CA LEU A 17 -17.45 0.50 16.37
C LEU A 17 -16.28 0.43 15.39
N LEU A 18 -15.07 0.70 15.88
CA LEU A 18 -13.89 0.66 15.02
C LEU A 18 -13.69 -0.73 14.41
N GLN A 19 -13.97 -1.78 15.19
CA GLN A 19 -13.81 -3.14 14.68
C GLN A 19 -14.86 -3.44 13.60
N LEU A 20 -16.11 -3.09 13.87
CA LEU A 20 -17.17 -3.35 12.89
C LEU A 20 -17.01 -2.46 11.66
N LEU A 21 -16.52 -1.23 11.84
CA LEU A 21 -16.42 -0.29 10.73
C LEU A 21 -15.46 -0.79 9.66
N SER A 22 -14.33 -1.38 10.07
CA SER A 22 -13.31 -1.81 9.14
C SER A 22 -13.24 -3.34 9.02
N ASN A 23 -14.33 -4.04 9.32
CA ASN A 23 -14.32 -5.48 9.20
C ASN A 23 -14.54 -5.93 7.75
N GLY A 24 -15.31 -5.17 6.97
CA GLY A 24 -15.52 -5.52 5.59
C GLY A 24 -16.33 -6.81 5.43
N THR A 25 -16.28 -7.35 4.22
CA THR A 25 -16.97 -8.59 3.90
C THR A 25 -16.07 -9.44 3.01
N VAL A 26 -16.42 -10.72 2.90
CA VAL A 26 -15.70 -11.69 2.09
C VAL A 26 -16.65 -12.24 1.04
N LEU A 27 -16.25 -12.14 -0.23
CA LEU A 27 -17.08 -12.64 -1.31
C LEU A 27 -17.01 -14.17 -1.37
N ARG A 28 -18.16 -14.80 -1.62
CA ARG A 28 -18.17 -16.28 -1.69
C ARG A 28 -17.62 -16.74 -3.05
N SER A 29 -18.04 -16.11 -4.14
CA SER A 29 -17.59 -16.48 -5.46
C SER A 29 -16.87 -15.31 -6.12
N GLU A 30 -16.27 -15.59 -7.27
CA GLU A 30 -15.61 -14.54 -8.04
C GLU A 30 -16.65 -13.63 -8.68
N SER A 31 -16.28 -12.37 -8.87
CA SER A 31 -17.20 -11.36 -9.39
C SER A 31 -16.48 -10.51 -10.43
N ILE A 32 -17.27 -9.80 -11.22
CA ILE A 32 -16.75 -8.93 -12.28
C ILE A 32 -17.37 -7.55 -12.11
N ASP A 33 -16.55 -6.51 -12.29
CA ASP A 33 -17.02 -5.14 -12.27
C ASP A 33 -16.57 -4.42 -13.53
N LEU A 34 -17.29 -3.35 -13.87
CA LEU A 34 -16.96 -2.49 -14.98
C LEU A 34 -16.25 -1.25 -14.45
N ILE A 35 -15.13 -0.89 -15.07
CA ILE A 35 -14.35 0.27 -14.67
C ILE A 35 -14.14 1.16 -15.89
N THR A 36 -14.45 2.44 -15.75
CA THR A 36 -14.28 3.40 -16.84
C THR A 36 -12.83 3.83 -16.91
N GLN A 37 -12.23 3.68 -18.09
CA GLN A 37 -10.81 4.05 -18.31
C GLN A 37 -10.63 5.53 -18.65
N GLN A 38 -9.36 5.98 -18.70
CA GLN A 38 -9.03 7.40 -19.03
C GLN A 38 -9.46 7.72 -20.46
N PHE A 41 -16.63 8.26 -19.71
CA PHE A 41 -17.64 7.22 -19.37
C PHE A 41 -17.91 6.36 -20.61
N LYS A 42 -17.07 6.48 -21.65
CA LYS A 42 -17.33 5.75 -22.91
C LYS A 42 -16.47 4.48 -22.93
N ASN A 43 -15.16 4.62 -22.76
CA ASN A 43 -14.23 3.47 -22.73
C ASN A 43 -14.38 2.72 -21.40
N ASN A 44 -14.78 1.45 -21.44
CA ASN A 44 -14.93 0.64 -20.25
C ASN A 44 -13.94 -0.53 -20.27
N GLN A 45 -13.98 -1.32 -19.21
CA GLN A 45 -13.09 -2.46 -19.03
C GLN A 45 -13.65 -3.32 -17.92
N THR A 46 -13.57 -4.64 -18.10
CA THR A 46 -14.02 -5.57 -17.08
C THR A 46 -12.83 -6.07 -16.27
N VAL A 47 -13.02 -6.17 -14.96
CA VAL A 47 -11.99 -6.66 -14.05
C VAL A 47 -12.60 -7.78 -13.21
N LEU A 48 -11.99 -8.96 -13.26
CA LEU A 48 -12.40 -10.09 -12.44
C LEU A 48 -11.70 -10.01 -11.10
N PHE A 49 -12.43 -10.31 -10.02
CA PHE A 49 -11.86 -10.26 -8.69
C PHE A 49 -12.56 -11.25 -7.78
N LYS A 50 -11.84 -11.70 -6.75
CA LYS A 50 -12.38 -12.58 -5.74
C LYS A 50 -11.51 -12.55 -4.50
N ASP A 51 -12.08 -12.94 -3.38
CA ASP A 51 -11.41 -12.91 -2.09
C ASP A 51 -10.83 -14.27 -1.76
N SER A 52 -9.66 -14.27 -1.10
CA SER A 52 -9.00 -15.49 -0.67
C SER A 52 -8.37 -15.24 0.69
N ILE A 53 -8.36 -16.28 1.52
CA ILE A 53 -7.71 -16.20 2.82
C ILE A 53 -6.21 -16.44 2.63
N TYR A 54 -5.39 -15.60 3.27
CA TYR A 54 -3.95 -15.77 3.25
C TYR A 54 -3.34 -16.04 4.60
N HIS A 55 -4.08 -15.84 5.68
CA HIS A 55 -3.62 -16.17 7.03
C HIS A 55 -4.81 -16.74 7.79
N LYS A 56 -4.88 -18.08 7.88
CA LYS A 56 -6.01 -18.73 8.53
C LYS A 56 -6.11 -18.39 10.02
N PRO A 57 -5.04 -18.38 10.82
CA PRO A 57 -5.22 -18.07 12.25
C PRO A 57 -5.83 -16.70 12.51
N ASN A 58 -5.38 -15.67 11.80
CA ASN A 58 -5.90 -14.33 11.98
C ASN A 58 -7.11 -14.03 11.10
N ASN A 59 -7.54 -14.99 10.27
CA ASN A 59 -8.69 -14.81 9.38
C ASN A 59 -8.52 -13.59 8.49
N LEU A 60 -7.31 -13.40 7.97
CA LEU A 60 -7.00 -12.28 7.11
C LEU A 60 -7.19 -12.67 5.65
N HIS A 61 -7.91 -11.85 4.91
CA HIS A 61 -8.20 -12.10 3.50
C HIS A 61 -7.53 -11.06 2.62
N LEU A 62 -7.23 -11.46 1.38
CA LEU A 62 -6.80 -10.55 0.34
C LEU A 62 -7.75 -10.67 -0.85
N ARG A 63 -7.73 -9.65 -1.70
CA ARG A 63 -8.53 -9.63 -2.92
C ARG A 63 -7.60 -9.62 -4.12
N LEU A 64 -7.81 -10.56 -5.03
CA LEU A 64 -7.06 -10.63 -6.28
C LEU A 64 -7.87 -9.99 -7.39
N TYR A 65 -7.23 -9.16 -8.19
CA TYR A 65 -7.86 -8.48 -9.31
C TYR A 65 -7.18 -8.92 -10.60
N LYS A 66 -7.98 -9.22 -11.63
CA LYS A 66 -7.46 -9.64 -12.93
C LYS A 66 -8.14 -8.84 -14.02
N PRO A 67 -7.42 -8.00 -14.76
CA PRO A 67 -8.01 -7.36 -15.95
C PRO A 67 -8.21 -8.40 -17.04
N ILE A 68 -9.46 -8.57 -17.47
CA ILE A 68 -9.82 -9.71 -18.31
C ILE A 68 -9.22 -9.58 -19.71
N SER A 69 -9.20 -8.37 -20.26
CA SER A 69 -8.79 -8.19 -21.66
C SER A 69 -7.35 -8.62 -21.87
N ALA A 70 -6.42 -8.07 -21.08
CA ALA A 70 -5.00 -8.32 -21.27
C ALA A 70 -4.49 -9.56 -20.56
N SER A 71 -5.31 -10.20 -19.72
CA SER A 71 -4.85 -11.42 -19.05
C SER A 71 -4.73 -12.58 -20.04
N ASN A 72 -5.62 -12.64 -21.02
CA ASN A 72 -5.55 -13.66 -22.06
C ASN A 72 -4.54 -13.32 -23.14
N ARG A 73 -3.90 -12.15 -23.08
CA ARG A 73 -2.91 -11.72 -24.09
C ARG A 73 -1.48 -12.01 -23.65
N THR A 74 -1.13 -11.74 -22.40
CA THR A 74 0.25 -11.90 -21.95
C THR A 74 0.26 -12.17 -20.45
N ALA A 75 1.45 -12.47 -19.94
CA ALA A 75 1.62 -12.70 -18.52
C ALA A 75 1.57 -11.37 -17.77
N LEU A 76 0.77 -11.32 -16.72
CA LEU A 76 0.56 -10.06 -16.02
C LEU A 76 1.60 -9.87 -14.91
N PRO A 77 2.10 -8.65 -14.74
CA PRO A 77 2.87 -8.34 -13.53
C PRO A 77 1.94 -8.24 -12.32
N VAL A 78 2.55 -8.31 -11.15
CA VAL A 78 1.81 -8.30 -9.88
C VAL A 78 1.96 -6.94 -9.22
N VAL A 79 0.85 -6.40 -8.75
CA VAL A 79 0.84 -5.18 -7.95
C VAL A 79 0.22 -5.54 -6.61
N VAL A 80 1.01 -5.48 -5.55
CA VAL A 80 0.51 -5.66 -4.20
C VAL A 80 0.18 -4.27 -3.64
N PHE A 81 -1.09 -4.03 -3.36
CA PHE A 81 -1.56 -2.73 -2.90
C PHE A 81 -1.94 -2.82 -1.43
N PHE A 82 -1.31 -1.98 -0.60
CA PHE A 82 -1.62 -1.88 0.82
C PHE A 82 -2.39 -0.58 1.05
N HIS A 83 -3.63 -0.70 1.51
CA HIS A 83 -4.48 0.46 1.68
C HIS A 83 -4.03 1.30 2.87
N GLY A 84 -4.56 2.53 2.93
CA GLY A 84 -4.29 3.43 4.02
C GLY A 84 -5.28 3.26 5.16
N GLY A 85 -5.29 4.26 6.04
CA GLY A 85 -6.20 4.24 7.18
C GLY A 85 -5.50 4.53 8.48
N GLY A 86 -4.25 4.99 8.41
CA GLY A 86 -3.50 5.35 9.61
C GLY A 86 -3.30 4.19 10.58
N PHE A 87 -3.21 2.96 10.06
CA PHE A 87 -3.09 1.70 10.80
C PHE A 87 -4.29 1.41 11.68
N CYS A 88 -5.37 2.21 11.59
CA CYS A 88 -6.55 2.01 12.41
C CYS A 88 -7.83 1.81 11.62
N PHE A 89 -7.86 2.17 10.34
CA PHE A 89 -9.05 2.10 9.52
C PHE A 89 -8.75 1.38 8.22
N GLY A 90 -9.80 0.96 7.53
CA GLY A 90 -9.66 0.47 6.18
C GLY A 90 -9.96 -1.00 6.06
N SER A 91 -10.37 -1.41 4.85
CA SER A 91 -10.56 -2.79 4.49
C SER A 91 -10.45 -2.90 2.97
N ARG A 92 -9.93 -4.03 2.51
CA ARG A 92 -9.78 -4.25 1.07
C ARG A 92 -11.11 -4.20 0.33
N SER A 93 -12.22 -4.48 1.03
CA SER A 93 -13.54 -4.48 0.43
C SER A 93 -14.22 -3.12 0.47
N TRP A 94 -13.66 -2.16 1.19
CA TRP A 94 -14.20 -0.81 1.20
C TRP A 94 -14.32 -0.28 -0.23
N PRO A 95 -15.47 0.26 -0.62
CA PRO A 95 -15.62 0.74 -2.01
C PRO A 95 -14.55 1.73 -2.44
N HIS A 96 -14.08 2.57 -1.52
CA HIS A 96 -13.01 3.51 -1.86
C HIS A 96 -11.75 2.79 -2.30
N PHE A 97 -11.37 1.72 -1.58
CA PHE A 97 -10.18 0.97 -1.93
C PHE A 97 -10.45 -0.02 -3.06
N HIS A 98 -11.64 -0.61 -3.09
CA HIS A 98 -12.00 -1.51 -4.18
C HIS A 98 -11.99 -0.79 -5.52
N ASN A 99 -12.49 0.45 -5.55
CA ASN A 99 -12.50 1.23 -6.78
C ASN A 99 -11.09 1.54 -7.25
N PHE A 100 -10.19 1.85 -6.31
CA PHE A 100 -8.81 2.16 -6.69
C PHE A 100 -8.10 0.94 -7.26
N CYS A 101 -8.40 -0.25 -6.71
CA CYS A 101 -7.76 -1.46 -7.21
C CYS A 101 -8.31 -1.85 -8.58
N LEU A 102 -9.60 -1.59 -8.83
CA LEU A 102 -10.13 -1.74 -10.18
C LEU A 102 -9.39 -0.84 -11.15
N THR A 103 -9.09 0.39 -10.74
CA THR A 103 -8.33 1.30 -11.58
C THR A 103 -6.89 0.83 -11.72
N LEU A 104 -6.29 0.32 -10.64
CA LEU A 104 -4.93 -0.19 -10.71
C LEU A 104 -4.82 -1.33 -11.72
N ALA A 105 -5.72 -2.32 -11.62
CA ALA A 105 -5.66 -3.47 -12.50
C ALA A 105 -5.86 -3.08 -13.95
N SER A 106 -6.90 -2.27 -14.22
CA SER A 106 -7.25 -1.96 -15.60
C SER A 106 -6.20 -1.06 -16.26
N SER A 107 -5.74 -0.02 -15.55
CA SER A 107 -4.83 0.94 -16.18
C SER A 107 -3.41 0.42 -16.26
N LEU A 108 -2.95 -0.32 -15.26
CA LEU A 108 -1.60 -0.87 -15.27
C LEU A 108 -1.52 -2.23 -15.92
N ASN A 109 -2.65 -2.83 -16.31
CA ASN A 109 -2.70 -4.16 -16.91
C ASN A 109 -1.93 -5.17 -16.07
N ALA A 110 -2.25 -5.20 -14.78
CA ALA A 110 -1.54 -6.02 -13.82
C ALA A 110 -2.54 -6.75 -12.91
N LEU A 111 -2.09 -7.87 -12.37
CA LEU A 111 -2.84 -8.56 -11.33
C LEU A 111 -2.60 -7.86 -10.00
N VAL A 112 -3.67 -7.41 -9.36
CA VAL A 112 -3.58 -6.63 -8.14
C VAL A 112 -3.89 -7.53 -6.95
N VAL A 113 -3.05 -7.46 -5.92
CA VAL A 113 -3.27 -8.15 -4.66
C VAL A 113 -3.53 -7.11 -3.59
N SER A 114 -4.75 -7.10 -3.05
CA SER A 114 -5.19 -6.11 -2.07
C SER A 114 -5.53 -6.82 -0.77
N PRO A 115 -4.59 -6.90 0.17
CA PRO A 115 -4.84 -7.63 1.41
C PRO A 115 -5.31 -6.75 2.56
N ASP A 116 -6.13 -7.35 3.41
CA ASP A 116 -6.41 -6.79 4.72
C ASP A 116 -5.20 -7.00 5.64
N TYR A 117 -5.13 -6.19 6.69
CA TYR A 117 -4.13 -6.39 7.72
C TYR A 117 -4.70 -5.95 9.05
N ARG A 118 -4.23 -6.58 10.12
CA ARG A 118 -4.73 -6.28 11.46
C ARG A 118 -4.58 -4.80 11.77
N LEU A 119 -5.57 -4.23 12.45
CA LEU A 119 -5.64 -2.79 12.68
C LEU A 119 -5.53 -2.48 14.16
N ALA A 120 -4.97 -1.32 14.44
CA ALA A 120 -4.84 -0.80 15.80
C ALA A 120 -6.16 -0.16 16.24
N PRO A 121 -6.36 0.01 17.56
CA PRO A 121 -5.48 -0.31 18.69
C PRO A 121 -5.55 -1.76 19.16
N GLU A 122 -6.48 -2.54 18.58
CA GLU A 122 -6.60 -3.93 18.98
C GLU A 122 -5.34 -4.72 18.66
N HIS A 123 -4.72 -4.42 17.52
CA HIS A 123 -3.46 -5.04 17.09
C HIS A 123 -2.49 -3.93 16.77
N ARG A 124 -1.70 -3.53 17.76
CA ARG A 124 -0.72 -2.47 17.57
C ARG A 124 0.43 -2.95 16.69
N LEU A 125 1.17 -2.00 16.12
CA LEU A 125 2.35 -2.32 15.34
C LEU A 125 3.33 -3.13 16.20
N PRO A 126 4.10 -4.04 15.59
CA PRO A 126 4.23 -4.30 14.15
C PRO A 126 3.30 -5.37 13.59
N ALA A 127 2.05 -5.41 14.07
CA ALA A 127 1.11 -6.43 13.58
C ALA A 127 0.85 -6.26 12.09
N ALA A 128 0.76 -5.00 11.63
CA ALA A 128 0.50 -4.75 10.21
C ALA A 128 1.68 -5.18 9.35
N PHE A 129 2.91 -4.94 9.82
CA PHE A 129 4.09 -5.34 9.05
C PHE A 129 4.21 -6.86 8.99
N GLU A 130 3.89 -7.55 10.08
CA GLU A 130 3.90 -9.01 10.07
C GLU A 130 2.89 -9.55 9.08
N ASP A 131 1.72 -8.93 8.99
CA ASP A 131 0.70 -9.38 8.04
C ASP A 131 1.16 -9.15 6.60
N ALA A 132 1.85 -8.04 6.35
CA ALA A 132 2.33 -7.75 5.00
C ALA A 132 3.32 -8.80 4.54
N GLU A 133 4.19 -9.27 5.45
CA GLU A 133 5.12 -10.33 5.09
C GLU A 133 4.40 -11.64 4.84
N ALA A 134 3.31 -11.89 5.57
CA ALA A 134 2.50 -13.07 5.30
C ALA A 134 1.86 -13.01 3.93
N VAL A 135 1.55 -11.80 3.44
CA VAL A 135 1.01 -11.65 2.10
C VAL A 135 2.03 -12.09 1.06
N LEU A 136 3.26 -11.58 1.17
CA LEU A 136 4.30 -11.94 0.23
C LEU A 136 4.66 -13.41 0.33
N THR A 137 4.67 -13.96 1.55
CA THR A 137 4.91 -15.39 1.72
C THR A 137 3.79 -16.22 1.11
N TRP A 138 2.54 -15.77 1.26
CA TRP A 138 1.43 -16.44 0.60
C TRP A 138 1.60 -16.37 -0.92
N LEU A 139 2.02 -15.22 -1.44
CA LEU A 139 2.29 -15.10 -2.87
C LEU A 139 3.38 -16.08 -3.32
N TRP A 140 4.42 -16.23 -2.50
CA TRP A 140 5.46 -17.20 -2.82
C TRP A 140 4.90 -18.62 -2.84
N ASP A 141 4.07 -18.96 -1.86
CA ASP A 141 3.49 -20.30 -1.81
C ASP A 141 2.61 -20.57 -3.03
N GLN A 142 1.91 -19.56 -3.52
CA GLN A 142 1.10 -19.73 -4.71
C GLN A 142 1.98 -19.83 -5.96
N ALA A 143 3.11 -19.11 -5.97
CA ALA A 143 3.95 -19.08 -7.16
C ALA A 143 4.63 -20.42 -7.41
N VAL A 144 5.12 -21.07 -6.36
CA VAL A 144 5.88 -22.31 -6.51
C VAL A 144 5.00 -23.55 -6.58
N SER A 145 3.68 -23.41 -6.37
CA SER A 145 2.79 -24.56 -6.29
C SER A 145 1.77 -24.58 -7.42
N ASP A 146 1.99 -23.80 -8.48
CA ASP A 146 1.06 -23.71 -9.60
C ASP A 146 -0.34 -23.34 -9.12
N GLY A 147 -0.40 -22.50 -8.09
CA GLY A 147 -1.67 -22.11 -7.49
C GLY A 147 -2.41 -21.02 -8.21
N VAL A 148 -1.78 -20.34 -9.16
CA VAL A 148 -2.45 -19.27 -9.89
C VAL A 148 -3.57 -19.84 -10.76
N ASN A 149 -3.44 -21.10 -11.18
CA ASN A 149 -4.47 -21.72 -12.01
C ASN A 149 -5.77 -21.93 -11.25
N HIS A 150 -5.71 -22.01 -9.92
CA HIS A 150 -6.90 -22.13 -9.09
C HIS A 150 -7.39 -20.78 -8.56
N TRP A 151 -6.74 -19.67 -8.94
CA TRP A 151 -7.16 -18.36 -8.46
C TRP A 151 -8.52 -17.96 -9.01
N PHE A 152 -8.90 -18.48 -10.17
CA PHE A 152 -10.17 -18.14 -10.79
C PHE A 152 -10.72 -19.37 -11.47
N GLU A 153 -11.98 -19.28 -11.89
CA GLU A 153 -12.59 -20.30 -12.75
C GLU A 153 -12.08 -20.12 -14.18
N ASP A 154 -10.74 -20.10 -14.30
CA ASP A 154 -10.04 -19.69 -15.51
C ASP A 154 -8.55 -19.84 -15.26
N GLY A 155 -7.76 -20.02 -16.33
CA GLY A 155 -6.33 -19.95 -16.20
C GLY A 155 -5.85 -18.53 -16.01
N THR A 156 -4.71 -18.38 -15.33
CA THR A 156 -4.12 -17.07 -15.10
C THR A 156 -2.60 -17.18 -15.20
N ASP A 157 -2.02 -16.44 -16.14
CA ASP A 157 -0.58 -16.41 -16.33
C ASP A 157 -0.02 -15.18 -15.61
N VAL A 158 0.79 -15.43 -14.59
CA VAL A 158 1.31 -14.38 -13.71
C VAL A 158 2.84 -14.41 -13.78
N ASP A 159 3.44 -13.24 -13.97
CA ASP A 159 4.90 -13.09 -13.99
C ASP A 159 5.33 -12.69 -12.58
N PHE A 160 5.72 -13.69 -11.78
CA PHE A 160 6.17 -13.43 -10.42
C PHE A 160 7.55 -12.77 -10.37
N ASP A 161 8.25 -12.69 -11.50
CA ASP A 161 9.49 -11.91 -11.59
C ASP A 161 9.23 -10.42 -11.72
N ARG A 162 7.95 -10.04 -11.89
CA ARG A 162 7.56 -8.63 -12.08
C ARG A 162 6.56 -8.21 -10.99
N VAL A 163 7.00 -8.15 -9.75
CA VAL A 163 6.15 -7.79 -8.62
C VAL A 163 6.48 -6.37 -8.19
N PHE A 164 5.43 -5.61 -7.87
CA PHE A 164 5.58 -4.24 -7.39
C PHE A 164 4.67 -4.04 -6.18
N VAL A 165 5.15 -3.30 -5.19
CA VAL A 165 4.40 -2.99 -3.98
C VAL A 165 3.99 -1.53 -4.05
N VAL A 166 2.69 -1.27 -3.95
CA VAL A 166 2.12 0.07 -3.99
C VAL A 166 1.45 0.34 -2.64
N GLY A 167 1.97 1.30 -1.90
CA GLY A 167 1.46 1.57 -0.58
C GLY A 167 0.82 2.94 -0.44
N ASP A 168 -0.42 2.98 0.07
CA ASP A 168 -1.14 4.22 0.30
C ASP A 168 -1.12 4.54 1.79
N SER A 169 -0.66 5.76 2.12
CA SER A 169 -0.65 6.25 3.50
C SER A 169 0.08 5.28 4.44
N SER A 170 -0.67 4.66 5.34
CA SER A 170 -0.07 3.65 6.21
C SER A 170 0.47 2.47 5.39
N GLY A 171 -0.16 2.18 4.25
CA GLY A 171 0.40 1.18 3.36
C GLY A 171 1.73 1.58 2.77
N GLY A 172 1.95 2.88 2.59
CA GLY A 172 3.26 3.35 2.15
C GLY A 172 4.33 3.07 3.19
N ASN A 173 4.01 3.25 4.47
CA ASN A 173 4.91 2.85 5.53
C ASN A 173 5.17 1.35 5.47
N ILE A 174 4.11 0.56 5.28
CA ILE A 174 4.25 -0.89 5.14
C ILE A 174 5.18 -1.23 3.98
N ALA A 175 5.01 -0.53 2.86
CA ALA A 175 5.87 -0.78 1.70
C ALA A 175 7.33 -0.51 2.02
N HIS A 176 7.60 0.50 2.84
CA HIS A 176 8.98 0.79 3.22
C HIS A 176 9.57 -0.33 4.08
N GLN A 177 8.77 -0.84 5.03
CA GLN A 177 9.26 -1.93 5.88
C GLN A 177 9.56 -3.18 5.07
N LEU A 178 8.73 -3.47 4.07
CA LEU A 178 9.00 -4.61 3.19
C LEU A 178 10.27 -4.36 2.38
N ALA A 179 10.44 -3.15 1.87
CA ALA A 179 11.64 -2.83 1.09
C ALA A 179 12.90 -2.98 1.92
N VAL A 180 12.83 -2.64 3.21
CA VAL A 180 13.98 -2.79 4.08
C VAL A 180 14.25 -4.26 4.37
N ARG A 181 13.20 -5.01 4.71
CA ARG A 181 13.38 -6.43 5.04
C ARG A 181 13.85 -7.22 3.83
N PHE A 182 13.34 -6.90 2.64
CA PHE A 182 13.81 -7.57 1.44
C PHE A 182 15.22 -7.12 1.07
N GLY A 183 15.51 -5.83 1.20
CA GLY A 183 16.81 -5.32 0.80
C GLY A 183 17.93 -5.72 1.74
N SER A 184 17.60 -6.01 3.00
CA SER A 184 18.61 -6.41 3.98
C SER A 184 19.02 -7.87 3.85
N GLY A 185 18.48 -8.59 2.86
CA GLY A 185 18.75 -10.02 2.76
C GLY A 185 18.08 -10.86 3.81
N SER A 186 17.22 -10.27 4.64
CA SER A 186 16.52 -11.01 5.69
C SER A 186 15.52 -11.97 5.08
N ILE A 187 14.46 -11.44 4.48
CA ILE A 187 13.48 -12.26 3.79
C ILE A 187 13.88 -12.37 2.33
N GLU A 188 13.60 -13.53 1.74
CA GLU A 188 14.00 -13.83 0.37
C GLU A 188 13.02 -14.86 -0.17
N LEU A 189 12.34 -14.52 -1.26
CA LEU A 189 11.17 -15.27 -1.70
C LEU A 189 11.23 -15.59 -3.20
N THR A 190 12.39 -16.00 -3.69
CA THR A 190 12.48 -16.48 -5.07
C THR A 190 11.48 -17.60 -5.28
N PRO A 191 10.74 -17.61 -6.41
CA PRO A 191 10.82 -16.77 -7.61
C PRO A 191 10.12 -15.42 -7.55
N VAL A 192 9.48 -15.08 -6.42
CA VAL A 192 8.88 -13.77 -6.29
C VAL A 192 9.99 -12.73 -6.19
N ARG A 193 9.93 -11.73 -7.08
CA ARG A 193 10.95 -10.69 -7.15
C ARG A 193 10.25 -9.34 -7.19
N VAL A 194 10.37 -8.57 -6.11
CA VAL A 194 9.80 -7.23 -6.05
C VAL A 194 10.80 -6.27 -6.71
N ARG A 195 10.40 -5.69 -7.85
CA ARG A 195 11.30 -4.84 -8.62
C ARG A 195 11.23 -3.37 -8.21
N GLY A 196 10.15 -2.94 -7.58
CA GLY A 196 10.02 -1.54 -7.22
C GLY A 196 8.95 -1.33 -6.18
N TYR A 197 9.01 -0.18 -5.53
CA TYR A 197 8.09 0.20 -4.49
C TYR A 197 7.54 1.59 -4.77
N VAL A 198 6.23 1.76 -4.59
CA VAL A 198 5.56 3.04 -4.79
C VAL A 198 4.99 3.48 -3.46
N LEU A 199 5.49 4.61 -2.95
CA LEU A 199 5.08 5.15 -1.66
C LEU A 199 4.21 6.39 -1.93
N MET A 200 2.92 6.26 -1.69
CA MET A 200 1.95 7.32 -1.99
C MET A 200 1.52 7.95 -0.67
N GLY A 201 1.99 9.17 -0.42
CA GLY A 201 1.76 9.86 0.83
C GLY A 201 2.05 8.99 2.03
N PRO A 202 3.29 8.47 2.12
CA PRO A 202 3.58 7.46 3.15
C PRO A 202 3.44 8.02 4.55
N PHE A 203 2.78 7.24 5.40
CA PHE A 203 2.52 7.63 6.79
C PHE A 203 3.79 7.42 7.61
N PHE A 204 4.66 8.42 7.56
CA PHE A 204 5.86 8.45 8.39
C PHE A 204 5.65 9.45 9.52
N GLY A 205 6.34 9.22 10.64
CA GLY A 205 6.13 10.00 11.84
C GLY A 205 7.45 10.45 12.46
N GLY A 206 7.32 11.28 13.48
CA GLY A 206 8.46 11.81 14.22
C GLY A 206 8.04 12.74 15.33
N GLU A 207 8.76 12.71 16.45
CA GLU A 207 8.42 13.58 17.57
C GLU A 207 8.56 15.05 17.17
N GLU A 208 9.71 15.43 16.63
CA GLU A 208 9.89 16.78 16.12
C GLU A 208 9.06 16.97 14.85
N ARG A 209 8.42 18.12 14.75
CA ARG A 209 7.51 18.41 13.65
C ARG A 209 8.23 19.03 12.48
N THR A 210 7.72 18.75 11.28
CA THR A 210 8.18 19.43 10.07
C THR A 210 7.36 20.69 9.85
N ASN A 211 7.76 21.49 8.86
CA ASN A 211 7.05 22.73 8.57
C ASN A 211 5.65 22.44 8.06
N SER A 212 5.52 21.50 7.12
CA SER A 212 4.20 21.17 6.58
C SER A 212 3.30 20.53 7.64
N GLU A 213 3.89 19.78 8.58
CA GLU A 213 3.08 19.20 9.65
C GLU A 213 2.53 20.27 10.58
N ASN A 214 3.26 21.35 10.78
CA ASN A 214 2.77 22.49 11.57
C ASN A 214 1.92 23.45 10.76
N GLY A 215 1.67 23.14 9.49
CA GLY A 215 0.90 24.01 8.64
C GLY A 215 -0.60 23.86 8.80
N PRO A 216 -1.36 24.32 7.82
CA PRO A 216 -2.82 24.24 7.94
C PRO A 216 -3.33 22.82 7.77
N SER A 217 -4.44 22.53 8.43
CA SER A 217 -5.06 21.21 8.36
C SER A 217 -5.62 20.97 6.96
N GLU A 218 -5.82 19.69 6.64
CA GLU A 218 -6.32 19.28 5.34
C GLU A 218 -7.84 19.07 5.41
N ALA A 219 -8.40 18.65 4.27
CA ALA A 219 -9.84 18.40 4.21
C ALA A 219 -10.26 17.35 5.22
N LEU A 220 -9.43 16.34 5.44
CA LEU A 220 -9.67 15.33 6.46
C LEU A 220 -8.55 15.24 7.47
N LEU A 221 -7.30 15.27 7.01
CA LEU A 221 -6.15 15.06 7.89
C LEU A 221 -5.84 16.31 8.70
N SER A 222 -5.48 16.11 9.96
CA SER A 222 -4.92 17.15 10.80
C SER A 222 -3.74 16.57 11.57
N LEU A 223 -2.88 17.45 12.07
CA LEU A 223 -1.73 16.98 12.85
C LEU A 223 -2.19 16.26 14.11
N ASP A 224 -3.29 16.71 14.71
CA ASP A 224 -3.84 16.02 15.88
C ASP A 224 -4.31 14.62 15.53
N LEU A 225 -4.95 14.47 14.36
CA LEU A 225 -5.40 13.15 13.92
C LEU A 225 -4.21 12.23 13.65
N LEU A 226 -3.15 12.76 13.04
CA LEU A 226 -1.96 11.95 12.79
C LEU A 226 -1.29 11.52 14.08
N ASP A 227 -1.24 12.42 15.08
CA ASP A 227 -0.69 12.07 16.38
C ASP A 227 -1.50 10.96 17.04
N LYS A 228 -2.82 11.03 16.94
CA LYS A 228 -3.67 10.00 17.53
C LYS A 228 -3.48 8.67 16.82
N PHE A 229 -3.25 8.69 15.50
CA PHE A 229 -2.97 7.47 14.77
C PHE A 229 -1.72 6.78 15.31
N TRP A 230 -0.61 7.51 15.35
CA TRP A 230 0.64 6.94 15.86
C TRP A 230 0.48 6.42 17.27
N ARG A 231 -0.08 7.27 18.14
CA ARG A 231 -0.25 6.91 19.58
C ARG A 231 -1.06 5.63 19.72
N LEU A 232 -2.09 5.46 18.91
CA LEU A 232 -2.95 4.29 19.04
C LEU A 232 -2.37 3.05 18.37
N SER A 233 -1.43 3.21 17.43
CA SER A 233 -0.86 2.10 16.68
C SER A 233 0.54 1.72 17.12
N LEU A 234 1.35 2.68 17.56
CA LEU A 234 2.66 2.35 18.11
C LEU A 234 2.50 1.61 19.44
N PRO A 235 3.48 0.79 19.83
CA PRO A 235 3.35 0.08 21.11
C PRO A 235 3.30 1.05 22.28
N ASN A 236 2.70 0.59 23.37
CA ASN A 236 2.54 1.44 24.55
C ASN A 236 3.91 1.81 25.11
N GLY A 237 4.09 3.10 25.38
CA GLY A 237 5.34 3.62 25.86
C GLY A 237 6.34 4.00 24.79
N ALA A 238 5.93 4.01 23.52
CA ALA A 238 6.82 4.38 22.43
C ALA A 238 6.50 5.79 21.95
N THR A 239 7.51 6.42 21.36
CA THR A 239 7.37 7.77 20.80
C THR A 239 7.27 7.69 19.27
N ARG A 240 6.99 8.84 18.66
CA ARG A 240 6.91 8.91 17.22
C ARG A 240 8.26 8.78 16.53
N ASP A 241 9.34 8.73 17.30
CA ASP A 241 10.68 8.47 16.76
C ASP A 241 10.99 6.98 16.67
N HIS A 242 10.04 6.12 17.05
CA HIS A 242 10.19 4.68 16.85
C HIS A 242 10.47 4.38 15.39
N HIS A 243 11.31 3.37 15.14
CA HIS A 243 11.69 3.05 13.77
C HIS A 243 10.49 2.65 12.93
N MET A 244 9.43 2.13 13.56
CA MET A 244 8.22 1.78 12.83
C MET A 244 7.45 3.01 12.37
N ALA A 245 7.77 4.18 12.92
CA ALA A 245 7.19 5.45 12.50
C ALA A 245 8.18 6.34 11.78
N ASN A 246 9.37 6.54 12.37
CA ASN A 246 10.41 7.36 11.78
C ASN A 246 11.42 6.46 11.09
N PRO A 247 11.54 6.49 9.77
CA PRO A 247 12.55 5.66 9.09
C PRO A 247 13.98 6.06 9.41
N PHE A 248 14.20 7.24 9.97
CA PHE A 248 15.54 7.74 10.26
C PHE A 248 15.73 7.98 11.75
N GLY A 249 15.05 7.19 12.58
CA GLY A 249 15.22 7.26 14.01
C GLY A 249 16.40 6.41 14.46
N PRO A 250 16.91 6.67 15.66
CA PRO A 250 18.07 5.92 16.13
C PRO A 250 17.74 4.48 16.51
N THR A 251 17.34 3.68 15.53
CA THR A 251 17.06 2.27 15.76
C THR A 251 17.49 1.43 14.56
N SER A 252 16.94 1.74 13.38
CA SER A 252 17.34 1.09 12.13
C SER A 252 17.51 2.13 11.02
N PRO A 253 18.38 3.11 11.22
CA PRO A 253 18.67 4.10 10.15
C PRO A 253 19.80 3.71 9.23
N THR A 254 20.31 2.48 9.34
CA THR A 254 21.45 2.05 8.53
C THR A 254 21.00 1.63 7.14
N LEU A 255 20.23 2.49 6.47
CA LEU A 255 19.79 2.20 5.11
C LEU A 255 20.92 2.32 4.11
N GLU A 256 22.04 2.95 4.48
CA GLU A 256 23.19 3.01 3.59
C GLU A 256 23.73 1.63 3.28
N SER A 257 23.64 0.70 4.23
CA SER A 257 24.20 -0.63 4.03
C SER A 257 23.27 -1.52 3.21
N ILE A 258 21.97 -1.50 3.51
CA ILE A 258 21.04 -2.38 2.81
C ILE A 258 20.85 -1.91 1.37
N SER A 259 20.58 -2.87 0.49
CA SER A 259 20.41 -2.59 -0.94
C SER A 259 18.92 -2.43 -1.23
N LEU A 260 18.49 -1.17 -1.37
CA LEU A 260 17.08 -0.87 -1.56
C LEU A 260 16.71 -0.92 -3.03
N GLU A 261 15.51 -1.43 -3.32
CA GLU A 261 14.99 -1.46 -4.66
C GLU A 261 14.62 -0.05 -5.10
N PRO A 262 14.48 0.18 -6.41
CA PRO A 262 13.99 1.50 -6.87
C PRO A 262 12.66 1.86 -6.24
N MET A 263 12.51 3.14 -5.92
CA MET A 263 11.34 3.62 -5.19
C MET A 263 10.74 4.83 -5.88
N LEU A 264 9.44 5.00 -5.69
CA LEU A 264 8.69 6.14 -6.22
C LEU A 264 7.87 6.73 -5.08
N VAL A 265 8.18 7.98 -4.71
CA VAL A 265 7.49 8.68 -3.63
C VAL A 265 6.57 9.73 -4.26
N ILE A 266 5.28 9.63 -3.98
CA ILE A 266 4.27 10.52 -4.54
C ILE A 266 3.50 11.15 -3.40
N VAL A 267 3.46 12.49 -3.37
CA VAL A 267 2.73 13.24 -2.35
C VAL A 267 2.10 14.46 -2.98
N GLY A 268 1.10 15.01 -2.28
CA GLY A 268 0.48 16.24 -2.68
C GLY A 268 1.21 17.44 -2.07
N GLY A 269 1.23 18.55 -2.84
CA GLY A 269 1.94 19.74 -2.41
C GLY A 269 1.40 20.35 -1.13
N SER A 270 0.11 20.14 -0.84
CA SER A 270 -0.51 20.67 0.37
C SER A 270 -0.63 19.63 1.48
N GLU A 271 0.05 18.50 1.34
CA GLU A 271 -0.04 17.45 2.35
C GLU A 271 0.71 17.83 3.61
N LEU A 272 0.16 17.43 4.76
CA LEU A 272 0.89 17.58 6.02
C LEU A 272 2.13 16.70 6.03
N LEU A 273 2.08 15.56 5.36
CA LEU A 273 3.20 14.62 5.30
C LEU A 273 4.15 14.93 4.15
N ARG A 274 4.03 16.11 3.53
CA ARG A 274 4.87 16.43 2.38
C ARG A 274 6.34 16.48 2.76
N ASP A 275 6.67 17.25 3.81
CA ASP A 275 8.07 17.47 4.15
C ASP A 275 8.75 16.18 4.61
N ARG A 276 8.03 15.33 5.33
CA ARG A 276 8.61 14.07 5.78
C ARG A 276 8.92 13.15 4.60
N ALA A 277 8.02 13.09 3.62
CA ALA A 277 8.27 12.24 2.45
C ALA A 277 9.38 12.82 1.58
N LYS A 278 9.43 14.14 1.44
CA LYS A 278 10.50 14.76 0.66
C LYS A 278 11.85 14.56 1.32
N GLU A 279 11.91 14.76 2.64
CA GLU A 279 13.15 14.50 3.38
C GLU A 279 13.52 13.02 3.30
N TYR A 280 12.52 12.15 3.31
CA TYR A 280 12.77 10.71 3.21
C TYR A 280 13.38 10.36 1.86
N ALA A 281 12.82 10.89 0.77
CA ALA A 281 13.29 10.52 -0.56
C ALA A 281 14.69 11.07 -0.82
N TYR A 282 14.95 12.32 -0.44
CA TYR A 282 16.25 12.92 -0.74
C TYR A 282 17.36 12.42 0.17
N LYS A 283 17.02 12.02 1.40
CA LYS A 283 18.00 11.34 2.24
C LYS A 283 18.40 10.01 1.62
N LEU A 284 17.50 9.38 0.88
CA LEU A 284 17.82 8.14 0.19
C LEU A 284 18.58 8.40 -1.10
N LYS A 285 18.23 9.49 -1.81
CA LYS A 285 18.94 9.83 -3.04
C LYS A 285 20.41 10.10 -2.79
N LYS A 286 20.76 10.55 -1.59
CA LYS A 286 22.16 10.79 -1.22
C LYS A 286 22.66 9.67 -0.33
N MET A 287 22.55 8.44 -0.84
CA MET A 287 23.01 7.26 -0.11
C MET A 287 23.80 6.28 -0.97
N GLY A 288 23.83 6.45 -2.30
CA GLY A 288 24.57 5.55 -3.16
C GLY A 288 23.80 4.29 -3.51
N GLY A 289 23.58 4.07 -4.81
CA GLY A 289 22.86 2.89 -5.25
C GLY A 289 21.38 2.92 -4.97
N LYS A 290 20.81 4.08 -4.67
CA LYS A 290 19.38 4.22 -4.38
C LYS A 290 18.75 5.07 -5.47
N ARG A 291 17.92 4.44 -6.30
CA ARG A 291 17.16 5.14 -7.34
C ARG A 291 15.79 5.49 -6.76
N VAL A 292 15.62 6.75 -6.37
CA VAL A 292 14.38 7.22 -5.76
C VAL A 292 13.91 8.44 -6.54
N ASP A 293 12.69 8.37 -7.05
CA ASP A 293 12.06 9.48 -7.76
C ASP A 293 11.00 10.10 -6.86
N TYR A 294 11.14 11.39 -6.58
CA TYR A 294 10.20 12.13 -5.76
C TYR A 294 9.31 12.97 -6.66
N ILE A 295 8.00 12.76 -6.56
CA ILE A 295 7.02 13.45 -7.39
C ILE A 295 6.02 14.14 -6.46
N GLU A 296 5.88 15.45 -6.63
CA GLU A 296 4.99 16.27 -5.80
C GLU A 296 3.96 16.94 -6.69
N PHE A 297 2.69 16.67 -6.43
CA PHE A 297 1.60 17.28 -7.18
C PHE A 297 1.15 18.55 -6.46
N GLU A 298 1.32 19.69 -7.13
CA GLU A 298 1.06 20.97 -6.49
C GLU A 298 -0.39 21.10 -6.05
N ASN A 299 -0.58 21.70 -4.87
CA ASN A 299 -1.89 22.09 -4.33
C ASN A 299 -2.82 20.91 -4.08
N LYS A 300 -2.30 19.70 -4.04
CA LYS A 300 -3.10 18.51 -3.76
C LYS A 300 -2.92 18.11 -2.31
N GLU A 301 -3.96 17.50 -1.74
CA GLU A 301 -3.93 17.03 -0.37
C GLU A 301 -3.78 15.51 -0.34
N HIS A 302 -3.93 14.93 0.85
CA HIS A 302 -3.69 13.50 1.02
C HIS A 302 -4.70 12.66 0.25
N GLY A 303 -4.21 11.66 -0.47
CA GLY A 303 -5.07 10.72 -1.15
C GLY A 303 -5.82 11.26 -2.35
N PHE A 304 -5.30 12.33 -2.97
CA PHE A 304 -5.98 12.90 -4.13
C PHE A 304 -6.13 11.89 -5.26
N TYR A 305 -5.21 10.94 -5.37
CA TYR A 305 -5.25 9.96 -6.44
C TYR A 305 -6.45 9.02 -6.32
N SER A 306 -6.90 8.77 -5.09
CA SER A 306 -8.06 7.91 -4.86
C SER A 306 -9.29 8.65 -4.37
N ASN A 307 -9.11 9.81 -3.72
CA ASN A 307 -10.27 10.59 -3.29
C ASN A 307 -10.98 11.24 -4.47
N TYR A 308 -10.24 11.60 -5.52
CA TYR A 308 -10.80 12.24 -6.70
C TYR A 308 -10.38 11.47 -7.95
N PRO A 309 -10.93 10.28 -8.15
CA PRO A 309 -10.70 9.59 -9.43
C PRO A 309 -11.42 10.30 -10.55
N SER A 310 -10.95 10.04 -11.78
CA SER A 310 -11.35 10.72 -13.00
C SER A 310 -10.89 12.17 -13.04
N SER A 311 -10.22 12.65 -12.00
CA SER A 311 -9.56 13.94 -12.05
C SER A 311 -8.22 13.80 -12.76
N GLU A 312 -7.68 14.96 -13.20
CA GLU A 312 -6.44 14.93 -13.97
C GLU A 312 -5.27 14.42 -13.13
N ALA A 313 -5.19 14.87 -11.87
CA ALA A 313 -4.07 14.47 -11.02
C ALA A 313 -4.09 12.97 -10.76
N ALA A 314 -5.28 12.39 -10.57
CA ALA A 314 -5.36 10.95 -10.31
C ALA A 314 -4.91 10.15 -11.53
N GLU A 315 -5.33 10.58 -12.73
CA GLU A 315 -4.93 9.86 -13.94
C GLU A 315 -3.42 9.97 -14.19
N GLN A 316 -2.82 11.11 -13.84
CA GLN A 316 -1.38 11.26 -14.01
C GLN A 316 -0.61 10.34 -13.07
N VAL A 317 -1.13 10.10 -11.87
CA VAL A 317 -0.48 9.19 -10.94
C VAL A 317 -0.47 7.77 -11.50
N LEU A 318 -1.60 7.32 -12.04
CA LEU A 318 -1.67 5.99 -12.62
C LEU A 318 -0.73 5.85 -13.81
N ARG A 319 -0.56 6.93 -14.58
CA ARG A 319 0.39 6.92 -15.69
C ARG A 319 1.83 6.83 -15.18
N ILE A 320 2.15 7.60 -14.14
CA ILE A 320 3.51 7.60 -13.60
C ILE A 320 3.86 6.23 -13.04
N ILE A 321 2.93 5.59 -12.33
CA ILE A 321 3.17 4.24 -11.82
C ILE A 321 3.37 3.27 -12.97
N GLY A 322 2.58 3.40 -14.03
CA GLY A 322 2.72 2.51 -15.18
C GLY A 322 4.06 2.68 -15.86
N ASP A 323 4.49 3.93 -16.08
CA ASP A 323 5.81 4.18 -16.65
C ASP A 323 6.90 3.65 -15.72
N PHE A 324 6.74 3.87 -14.41
CA PHE A 324 7.69 3.35 -13.43
C PHE A 324 7.79 1.84 -13.52
N MET A 325 6.65 1.17 -13.76
CA MET A 325 6.67 -0.28 -13.92
C MET A 325 7.32 -0.69 -15.22
N ASN A 326 7.06 0.05 -16.30
CA ASN A 326 7.59 -0.31 -17.61
C ASN A 326 9.10 -0.19 -17.66
N ASN A 327 9.67 0.84 -17.02
CA ASN A 327 11.11 1.02 -17.05
C ASN A 327 11.84 -0.05 -16.25
N LEU A 328 11.24 -0.53 -15.17
CA LEU A 328 11.89 -1.49 -14.29
C LEU A 328 11.82 -2.92 -14.81
N SER A 329 11.34 -3.13 -16.04
CA SER A 329 11.21 -4.48 -16.57
C SER A 329 11.23 -4.49 -18.10
C1 GOL B . 3.15 12.84 11.11
O1 GOL B . 2.67 11.54 10.87
C2 GOL B . 3.92 12.86 12.43
O2 GOL B . 5.15 13.51 12.25
C3 GOL B . 3.11 13.61 13.48
O3 GOL B . 1.90 12.94 13.71
C1 GOL C . -19.66 0.41 -11.14
O1 GOL C . -19.50 0.01 -12.47
C2 GOL C . -18.97 -0.58 -10.20
O2 GOL C . -19.57 -0.53 -8.94
C3 GOL C . -17.49 -0.21 -10.06
O3 GOL C . -17.16 0.84 -10.93
C1 GOL D . 9.12 -5.79 9.52
O1 GOL D . 8.56 -5.71 8.25
C2 GOL D . 9.59 -4.41 9.96
O2 GOL D . 10.54 -3.92 9.06
C3 GOL D . 10.20 -4.49 11.36
O3 GOL D . 9.68 -3.45 12.15
#